data_3JTO
#
_entry.id   3JTO
#
_cell.length_a   162.056
_cell.length_b   162.056
_cell.length_c   142.848
_cell.angle_alpha   90.00
_cell.angle_beta   90.00
_cell.angle_gamma   90.00
#
_symmetry.space_group_name_H-M   'I 41 2 2'
#
loop_
_entity.id
_entity.type
_entity.pdbx_description
1 polymer 'Adapter protein mecA 2'
2 water water
#
_entity_poly.entity_id   1
_entity_poly.type   'polypeptide(L)'
_entity_poly.pdbx_seq_one_letter_code
;DESADIIYQFHSFEDIIQLSESLQRIGITGGTVYHYDGQYFLSLEDLGSHTAEGVVAVLAEYGNPTTLTIYRLQEYGKLI
MDGNAVETIQTHFS
;
_entity_poly.pdbx_strand_id   A,B,C,D,E,F
#
# COMPACT_ATOMS: atom_id res chain seq x y z
N ASP A 1 4.09 -7.48 -40.81
CA ASP A 1 4.21 -6.04 -40.72
C ASP A 1 5.49 -5.67 -40.01
N GLU A 2 5.97 -4.47 -40.31
CA GLU A 2 6.96 -3.82 -39.49
C GLU A 2 6.20 -2.82 -38.62
N SER A 3 4.88 -2.93 -38.65
CA SER A 3 4.02 -2.09 -37.83
C SER A 3 4.02 -2.62 -36.40
N ALA A 4 3.92 -1.72 -35.43
CA ALA A 4 4.17 -2.10 -34.05
C ALA A 4 2.94 -2.02 -33.14
N ASP A 5 2.78 -3.05 -32.32
CA ASP A 5 1.83 -2.98 -31.20
C ASP A 5 2.60 -2.70 -29.91
N ILE A 6 2.19 -1.68 -29.19
CA ILE A 6 2.94 -1.21 -28.02
C ILE A 6 2.05 -1.30 -26.79
N ILE A 7 2.49 -2.08 -25.81
CA ILE A 7 1.84 -2.09 -24.50
C ILE A 7 2.80 -1.70 -23.38
N TYR A 8 2.43 -0.64 -22.65
CA TYR A 8 3.19 -0.14 -21.51
C TYR A 8 2.44 -0.22 -20.18
N GLN A 9 3.21 -0.36 -19.10
CA GLN A 9 2.76 -0.49 -17.71
C GLN A 9 2.94 0.83 -16.94
N PHE A 10 1.92 1.27 -16.21
CA PHE A 10 2.03 2.50 -15.41
C PHE A 10 1.54 2.25 -13.99
N HIS A 11 2.28 2.78 -13.02
CA HIS A 11 1.94 2.55 -11.62
C HIS A 11 0.59 3.18 -11.27
N SER A 12 0.25 4.30 -11.90
CA SER A 12 -1.06 4.89 -11.63
C SER A 12 -1.67 5.55 -12.86
N PHE A 13 -2.97 5.76 -12.80
CA PHE A 13 -3.70 6.41 -13.87
C PHE A 13 -3.14 7.79 -14.16
N GLU A 14 -2.56 8.43 -13.15
CA GLU A 14 -2.00 9.78 -13.29
C GLU A 14 -0.94 9.84 -14.38
N ASP A 15 -0.14 8.78 -14.48
CA ASP A 15 0.86 8.70 -15.53
C ASP A 15 0.22 8.82 -16.90
N ILE A 16 -0.93 8.17 -17.09
CA ILE A 16 -1.60 8.21 -18.40
C ILE A 16 -2.28 9.56 -18.67
N ILE A 17 -2.73 10.23 -17.61
CA ILE A 17 -3.26 11.57 -17.78
C ILE A 17 -2.15 12.51 -18.26
N GLN A 18 -0.99 12.44 -17.63
CA GLN A 18 0.06 13.39 -17.94
C GLN A 18 0.65 13.22 -19.33
N LEU A 19 0.77 11.99 -19.80
CA LEU A 19 1.40 11.76 -21.08
C LEU A 19 0.40 11.93 -22.22
N SER A 20 -0.88 11.88 -21.88
CA SER A 20 -1.93 11.88 -22.88
C SER A 20 -1.78 13.07 -23.82
N GLU A 21 -1.28 14.16 -23.28
CA GLU A 21 -1.16 15.41 -24.02
C GLU A 21 0.01 15.34 -25.02
N SER A 22 1.09 14.72 -24.57
CA SER A 22 2.24 14.43 -25.42
C SER A 22 1.92 13.48 -26.58
N LEU A 23 1.09 12.46 -26.34
CA LEU A 23 0.68 11.53 -27.39
C LEU A 23 -0.14 12.23 -28.47
N GLN A 24 -1.11 13.06 -28.06
CA GLN A 24 -1.96 13.76 -29.01
C GLN A 24 -1.15 14.73 -29.88
N ARG A 25 -0.11 15.32 -29.31
CA ARG A 25 0.69 16.25 -30.08
C ARG A 25 1.35 15.55 -31.27
N ILE A 26 1.81 14.32 -31.06
CA ILE A 26 2.44 13.57 -32.13
C ILE A 26 1.42 12.76 -32.94
N GLY A 27 0.17 13.21 -32.93
CA GLY A 27 -0.87 12.63 -33.77
C GLY A 27 -1.50 11.33 -33.30
N ILE A 28 -1.33 11.00 -32.02
CA ILE A 28 -1.98 9.81 -31.46
C ILE A 28 -3.26 10.20 -30.71
N THR A 29 -4.36 9.57 -31.10
CA THR A 29 -5.67 10.00 -30.64
C THR A 29 -6.48 8.85 -30.02
N GLY A 30 -5.97 7.63 -30.13
CA GLY A 30 -6.68 6.46 -29.67
C GLY A 30 -6.01 5.83 -28.46
N GLY A 31 -5.87 4.50 -28.49
CA GLY A 31 -5.27 3.76 -27.40
C GLY A 31 -6.32 3.11 -26.53
N THR A 32 -5.99 1.98 -25.95
CA THR A 32 -6.91 1.28 -25.06
C THR A 32 -6.23 1.18 -23.69
N VAL A 33 -7.00 1.46 -22.63
CA VAL A 33 -6.48 1.39 -21.26
C VAL A 33 -7.09 0.23 -20.50
N TYR A 34 -6.23 -0.55 -19.85
CA TYR A 34 -6.62 -1.67 -19.02
C TYR A 34 -6.18 -1.46 -17.59
N HIS A 35 -6.93 -2.02 -16.66
CA HIS A 35 -6.52 -2.10 -15.27
C HIS A 35 -6.29 -3.56 -14.96
N TYR A 36 -5.15 -3.87 -14.39
CA TYR A 36 -4.81 -5.25 -14.08
C TYR A 36 -3.70 -5.29 -13.01
N ASP A 37 -3.86 -6.19 -12.05
CA ASP A 37 -2.92 -6.35 -10.92
C ASP A 37 -2.50 -5.03 -10.29
N GLY A 38 -3.48 -4.23 -9.92
CA GLY A 38 -3.22 -2.95 -9.30
C GLY A 38 -2.57 -1.89 -10.16
N GLN A 39 -2.46 -2.13 -11.47
CA GLN A 39 -1.86 -1.12 -12.38
C GLN A 39 -2.58 -0.86 -13.71
N TYR A 40 -2.17 0.21 -14.36
CA TYR A 40 -2.75 0.60 -15.61
C TYR A 40 -1.86 0.25 -16.79
N PHE A 41 -2.51 -0.13 -17.89
CA PHE A 41 -1.80 -0.51 -19.10
C PHE A 41 -2.39 0.26 -20.24
N LEU A 42 -1.53 0.79 -21.08
CA LEU A 42 -1.99 1.44 -22.28
C LEU A 42 -1.52 0.59 -23.47
N SER A 43 -2.45 0.22 -24.32
CA SER A 43 -2.15 -0.57 -25.51
C SER A 43 -2.44 0.26 -26.75
N LEU A 44 -1.46 0.31 -27.65
CA LEU A 44 -1.59 1.01 -28.93
C LEU A 44 -1.17 0.06 -30.04
N GLU A 45 -2.00 -0.08 -31.07
CA GLU A 45 -1.76 -1.07 -32.11
C GLU A 45 -1.53 -0.47 -33.49
N ASP A 46 -0.79 -1.18 -34.33
CA ASP A 46 -0.61 -0.85 -35.76
C ASP A 46 0.04 0.50 -35.99
N LEU A 47 1.13 0.75 -35.29
CA LEU A 47 1.88 1.98 -35.46
C LEU A 47 2.95 1.80 -36.54
N GLY A 48 3.08 2.78 -37.43
CA GLY A 48 4.24 2.89 -38.28
C GLY A 48 5.47 2.94 -37.40
N SER A 49 6.63 2.63 -37.97
CA SER A 49 7.83 2.49 -37.15
C SER A 49 8.34 3.81 -36.61
N HIS A 50 8.17 4.89 -37.37
CA HIS A 50 8.58 6.22 -36.89
C HIS A 50 7.73 6.70 -35.70
N THR A 51 6.42 6.75 -35.86
CA THR A 51 5.58 7.12 -34.72
C THR A 51 5.71 6.11 -33.56
N ALA A 52 5.93 4.83 -33.85
CA ALA A 52 6.13 3.85 -32.78
C ALA A 52 7.29 4.28 -31.89
N GLU A 53 8.31 4.85 -32.51
CA GLU A 53 9.51 5.25 -31.79
C GLU A 53 9.24 6.54 -31.01
N GLY A 54 8.57 7.49 -31.67
CA GLY A 54 8.13 8.72 -31.04
C GLY A 54 7.25 8.42 -29.82
N VAL A 55 6.36 7.45 -29.97
CA VAL A 55 5.46 7.03 -28.91
C VAL A 55 6.21 6.37 -27.72
N VAL A 56 7.15 5.50 -28.02
CA VAL A 56 7.90 4.81 -26.98
C VAL A 56 8.74 5.81 -26.16
N ALA A 57 9.03 6.96 -26.75
CA ALA A 57 9.84 7.97 -26.11
C ALA A 57 9.01 8.77 -25.11
N VAL A 58 7.75 9.00 -25.45
CA VAL A 58 6.83 9.60 -24.50
C VAL A 58 6.56 8.66 -23.33
N LEU A 59 6.17 7.43 -23.65
CA LEU A 59 5.72 6.49 -22.62
C LEU A 59 6.83 6.14 -21.64
N ALA A 60 8.03 5.97 -22.17
CA ALA A 60 9.18 5.61 -21.34
C ALA A 60 9.43 6.60 -20.20
N GLU A 61 8.96 7.83 -20.35
CA GLU A 61 9.13 8.82 -19.28
C GLU A 61 8.23 8.56 -18.07
N TYR A 62 7.19 7.74 -18.25
CA TYR A 62 6.18 7.56 -17.20
C TYR A 62 5.99 6.10 -16.78
N GLY A 63 6.42 5.17 -17.62
CA GLY A 63 6.25 3.76 -17.34
C GLY A 63 7.19 2.85 -18.09
N ASN A 64 6.99 1.56 -17.94
CA ASN A 64 7.85 0.56 -18.54
C ASN A 64 7.09 -0.32 -19.49
N PRO A 65 7.77 -0.86 -20.52
CA PRO A 65 7.07 -1.79 -21.39
C PRO A 65 6.81 -3.02 -20.55
N THR A 66 5.83 -3.81 -20.94
CA THR A 66 5.35 -4.85 -20.05
C THR A 66 5.64 -6.19 -20.65
N THR A 67 5.65 -7.20 -19.79
CA THR A 67 5.77 -8.59 -20.19
C THR A 67 4.38 -9.20 -20.46
N LEU A 68 3.36 -8.64 -19.85
CA LEU A 68 2.00 -9.15 -19.96
C LEU A 68 1.53 -9.11 -21.40
N THR A 69 0.77 -10.11 -21.81
CA THR A 69 0.22 -10.15 -23.15
C THR A 69 -1.15 -9.52 -23.21
N ILE A 70 -1.52 -9.12 -24.43
CA ILE A 70 -2.81 -8.51 -24.71
C ILE A 70 -3.97 -9.47 -24.40
N TYR A 71 -3.71 -10.77 -24.51
CA TYR A 71 -4.72 -11.76 -24.15
C TYR A 71 -5.04 -11.72 -22.66
N ARG A 72 -3.98 -11.58 -21.86
CA ARG A 72 -4.12 -11.60 -20.41
C ARG A 72 -4.90 -10.38 -19.92
N LEU A 73 -4.59 -9.21 -20.47
CA LEU A 73 -5.31 -7.99 -20.11
C LEU A 73 -6.77 -8.04 -20.55
N GLN A 74 -7.02 -8.62 -21.71
CA GLN A 74 -8.38 -8.61 -22.26
C GLN A 74 -9.23 -9.63 -21.56
N GLU A 75 -8.63 -10.78 -21.27
CA GLU A 75 -9.37 -11.88 -20.69
C GLU A 75 -9.56 -11.70 -19.19
N TYR A 76 -8.50 -11.23 -18.52
CA TYR A 76 -8.48 -11.19 -17.07
C TYR A 76 -8.35 -9.78 -16.47
N GLY A 77 -8.14 -8.78 -17.31
CA GLY A 77 -8.05 -7.42 -16.83
C GLY A 77 -9.39 -6.73 -16.89
N LYS A 78 -9.36 -5.42 -16.64
CA LYS A 78 -10.56 -4.63 -16.62
C LYS A 78 -10.38 -3.55 -17.66
N LEU A 79 -11.28 -3.52 -18.64
CA LEU A 79 -11.23 -2.55 -19.73
C LEU A 79 -11.75 -1.21 -19.24
N ILE A 80 -10.91 -0.19 -19.34
CA ILE A 80 -11.25 1.13 -18.82
C ILE A 80 -11.70 2.05 -19.96
N MET A 81 -10.87 2.15 -21.00
CA MET A 81 -11.18 2.93 -22.18
C MET A 81 -10.94 2.08 -23.40
N ASP A 82 -12.01 1.88 -24.17
CA ASP A 82 -11.98 0.98 -25.29
C ASP A 82 -11.68 1.67 -26.62
N GLY A 83 -10.39 1.87 -26.90
CA GLY A 83 -9.94 2.31 -28.21
C GLY A 83 -9.81 3.80 -28.47
N ASN A 84 -10.15 4.62 -27.48
CA ASN A 84 -10.25 6.07 -27.68
C ASN A 84 -9.56 6.85 -26.58
N ALA A 85 -8.58 6.23 -25.92
CA ALA A 85 -8.08 6.71 -24.63
C ALA A 85 -7.57 8.16 -24.62
N VAL A 86 -6.69 8.48 -25.56
CA VAL A 86 -6.05 9.80 -25.56
C VAL A 86 -7.06 10.93 -25.69
N GLU A 87 -8.10 10.72 -26.49
CA GLU A 87 -9.08 11.77 -26.70
C GLU A 87 -10.13 11.79 -25.60
N THR A 88 -10.43 10.65 -25.00
CA THR A 88 -11.34 10.63 -23.85
C THR A 88 -10.72 11.40 -22.69
N ILE A 89 -9.40 11.24 -22.50
CA ILE A 89 -8.70 11.91 -21.42
C ILE A 89 -8.56 13.40 -21.67
N GLN A 90 -8.27 13.76 -22.92
CA GLN A 90 -8.00 15.15 -23.29
C GLN A 90 -9.24 16.00 -23.18
N THR A 91 -10.38 15.37 -23.41
CA THR A 91 -11.67 15.98 -23.14
C THR A 91 -11.70 16.63 -21.75
N HIS A 92 -11.20 15.88 -20.77
CA HIS A 92 -11.32 16.25 -19.36
C HIS A 92 -10.12 17.04 -18.83
N PHE A 93 -8.93 16.54 -19.11
CA PHE A 93 -7.74 17.12 -18.52
C PHE A 93 -6.98 18.12 -19.40
N SER A 94 -7.56 18.45 -20.55
CA SER A 94 -7.02 19.53 -21.38
C SER A 94 -7.92 20.75 -21.27
N ALA B 4 -25.31 21.68 3.23
CA ALA B 4 -23.93 21.21 3.39
C ALA B 4 -23.24 20.99 2.04
N ASP B 5 -22.22 21.80 1.77
CA ASP B 5 -21.41 21.67 0.57
C ASP B 5 -19.98 21.25 0.90
N ILE B 6 -19.68 20.01 0.55
CA ILE B 6 -18.49 19.31 1.02
C ILE B 6 -17.40 19.37 -0.04
N ILE B 7 -16.18 19.69 0.38
CA ILE B 7 -15.07 19.81 -0.54
C ILE B 7 -13.84 19.13 0.05
N TYR B 8 -13.29 18.16 -0.69
CA TYR B 8 -12.11 17.43 -0.23
C TYR B 8 -11.00 17.51 -1.27
N GLN B 9 -9.76 17.45 -0.81
CA GLN B 9 -8.61 17.47 -1.70
C GLN B 9 -7.91 16.12 -1.71
N PHE B 10 -7.30 15.78 -2.84
CA PHE B 10 -6.62 14.51 -3.02
C PHE B 10 -5.33 14.75 -3.81
N HIS B 11 -4.27 14.01 -3.50
CA HIS B 11 -2.99 14.18 -4.20
C HIS B 11 -2.98 13.53 -5.58
N SER B 12 -3.91 12.61 -5.85
CA SER B 12 -3.95 11.97 -7.15
C SER B 12 -5.37 11.65 -7.58
N PHE B 13 -5.57 11.55 -8.88
CA PHE B 13 -6.87 11.25 -9.43
C PHE B 13 -7.31 9.84 -9.08
N GLU B 14 -6.34 8.96 -8.84
CA GLU B 14 -6.56 7.59 -8.44
C GLU B 14 -7.43 7.55 -7.19
N ASP B 15 -7.13 8.45 -6.25
CA ASP B 15 -7.87 8.54 -5.02
C ASP B 15 -9.36 8.75 -5.30
N ILE B 16 -9.66 9.63 -6.24
CA ILE B 16 -11.03 9.93 -6.62
C ILE B 16 -11.67 8.76 -7.35
N ILE B 17 -10.88 8.06 -8.14
CA ILE B 17 -11.38 6.89 -8.85
C ILE B 17 -11.86 5.85 -7.84
N GLN B 18 -11.08 5.66 -6.79
CA GLN B 18 -11.38 4.64 -5.80
C GLN B 18 -12.57 5.02 -4.93
N LEU B 19 -12.63 6.29 -4.54
CA LEU B 19 -13.74 6.81 -3.78
C LEU B 19 -15.07 6.70 -4.56
N SER B 20 -15.04 6.87 -5.88
CA SER B 20 -16.24 6.75 -6.69
C SER B 20 -17.05 5.47 -6.44
N GLU B 21 -16.34 4.34 -6.37
CA GLU B 21 -16.92 3.06 -5.96
C GLU B 21 -17.79 3.16 -4.69
N SER B 22 -17.19 3.68 -3.62
CA SER B 22 -17.92 3.84 -2.36
C SER B 22 -19.10 4.81 -2.48
N LEU B 23 -18.91 5.90 -3.23
CA LEU B 23 -19.99 6.87 -3.46
C LEU B 23 -21.17 6.25 -4.22
N GLN B 24 -20.87 5.50 -5.28
CA GLN B 24 -21.92 4.86 -6.05
C GLN B 24 -22.70 3.84 -5.21
N ARG B 25 -22.00 3.14 -4.30
CA ARG B 25 -22.65 2.16 -3.45
C ARG B 25 -23.65 2.80 -2.47
N ILE B 26 -23.39 4.05 -2.09
CA ILE B 26 -24.35 4.72 -1.22
C ILE B 26 -25.43 5.45 -2.04
N GLY B 27 -25.09 5.87 -3.26
CA GLY B 27 -26.09 6.45 -4.15
C GLY B 27 -25.79 7.84 -4.66
N ILE B 28 -24.70 8.43 -4.15
CA ILE B 28 -24.18 9.71 -4.63
C ILE B 28 -23.59 9.52 -6.03
N THR B 29 -24.13 10.21 -7.03
CA THR B 29 -23.61 10.04 -8.40
C THR B 29 -23.20 11.32 -9.12
N GLY B 30 -23.36 12.47 -8.47
CA GLY B 30 -22.96 13.72 -9.07
C GLY B 30 -21.52 14.11 -8.77
N GLY B 31 -21.31 15.37 -8.40
CA GLY B 31 -20.01 15.85 -7.99
C GLY B 31 -19.26 16.62 -9.06
N THR B 32 -18.41 17.55 -8.63
CA THR B 32 -17.56 18.30 -9.55
C THR B 32 -16.11 18.07 -9.17
N VAL B 33 -15.24 17.86 -10.15
CA VAL B 33 -13.82 17.66 -9.86
C VAL B 33 -12.97 18.81 -10.38
N TYR B 34 -12.03 19.25 -9.54
CA TYR B 34 -11.13 20.33 -9.90
C TYR B 34 -9.69 19.86 -9.79
N HIS B 35 -8.84 20.40 -10.65
CA HIS B 35 -7.41 20.24 -10.50
C HIS B 35 -6.83 21.63 -10.26
N TYR B 36 -6.05 21.77 -9.20
CA TYR B 36 -5.47 23.05 -8.84
C TYR B 36 -4.31 22.88 -7.85
N ASP B 37 -3.23 23.64 -8.06
CA ASP B 37 -2.08 23.59 -7.15
C ASP B 37 -1.49 22.21 -6.99
N GLY B 38 -1.50 21.40 -8.05
CA GLY B 38 -0.97 20.05 -8.00
C GLY B 38 -1.87 19.03 -7.32
N GLN B 39 -3.06 19.45 -6.93
CA GLN B 39 -3.97 18.56 -6.22
C GLN B 39 -5.28 18.42 -6.98
N TYR B 40 -5.98 17.33 -6.73
CA TYR B 40 -7.38 17.21 -7.17
C TYR B 40 -8.33 17.54 -6.04
N PHE B 41 -9.47 18.13 -6.39
CA PHE B 41 -10.49 18.47 -5.41
C PHE B 41 -11.83 17.94 -5.88
N LEU B 42 -12.59 17.39 -4.95
CA LEU B 42 -13.94 16.94 -5.25
C LEU B 42 -14.96 17.73 -4.43
N SER B 43 -15.96 18.26 -5.13
CA SER B 43 -16.98 19.07 -4.52
C SER B 43 -18.36 18.42 -4.67
N LEU B 44 -19.05 18.17 -3.56
CA LEU B 44 -20.39 17.58 -3.57
C LEU B 44 -21.47 18.53 -3.01
N GLU B 45 -22.55 18.69 -3.76
CA GLU B 45 -23.61 19.61 -3.36
C GLU B 45 -24.91 18.91 -2.97
N ASP B 46 -25.19 17.78 -3.60
CA ASP B 46 -26.44 17.05 -3.35
C ASP B 46 -26.19 15.69 -2.71
N LEU B 47 -26.58 15.57 -1.45
CA LEU B 47 -26.40 14.34 -0.70
C LEU B 47 -27.66 13.46 -0.75
N GLY B 48 -28.70 13.95 -1.42
CA GLY B 48 -29.97 13.26 -1.48
C GLY B 48 -30.53 13.09 -0.08
N SER B 49 -30.97 11.87 0.25
CA SER B 49 -31.50 11.59 1.57
C SER B 49 -30.45 11.03 2.54
N HIS B 50 -29.18 11.08 2.14
CA HIS B 50 -28.07 10.59 2.97
C HIS B 50 -27.56 11.60 3.98
N THR B 51 -27.28 11.12 5.19
CA THR B 51 -26.70 11.96 6.22
C THR B 51 -25.33 12.45 5.76
N ALA B 52 -25.08 13.75 5.97
CA ALA B 52 -23.82 14.37 5.54
C ALA B 52 -22.59 13.71 6.15
N GLU B 53 -22.67 13.41 7.45
CA GLU B 53 -21.55 12.86 8.19
C GLU B 53 -21.12 11.51 7.67
N GLY B 54 -22.07 10.75 7.12
CA GLY B 54 -21.76 9.45 6.52
C GLY B 54 -20.99 9.60 5.21
N VAL B 55 -21.32 10.65 4.46
CA VAL B 55 -20.64 10.94 3.21
C VAL B 55 -19.22 11.46 3.48
N VAL B 56 -19.10 12.37 4.45
CA VAL B 56 -17.79 12.86 4.89
C VAL B 56 -16.90 11.71 5.33
N ALA B 57 -17.44 10.82 6.15
CA ALA B 57 -16.67 9.67 6.62
C ALA B 57 -15.99 8.91 5.49
N VAL B 58 -16.70 8.66 4.39
CA VAL B 58 -16.09 7.94 3.25
C VAL B 58 -15.12 8.77 2.42
N LEU B 59 -15.42 10.06 2.25
CA LEU B 59 -14.47 10.97 1.61
C LEU B 59 -13.12 10.98 2.34
N ALA B 60 -13.19 10.96 3.68
CA ALA B 60 -12.01 11.03 4.55
C ALA B 60 -11.07 9.82 4.46
N GLU B 61 -11.60 8.67 4.09
CA GLU B 61 -10.76 7.50 3.88
C GLU B 61 -9.80 7.73 2.73
N TYR B 62 -10.23 8.54 1.77
CA TYR B 62 -9.48 8.71 0.54
C TYR B 62 -8.75 10.06 0.51
N GLY B 63 -9.34 11.09 1.10
CA GLY B 63 -8.80 12.43 0.98
C GLY B 63 -8.81 13.27 2.25
N ASN B 64 -8.56 14.57 2.08
CA ASN B 64 -8.45 15.53 3.18
C ASN B 64 -9.42 16.70 3.05
N PRO B 65 -9.87 17.24 4.18
CA PRO B 65 -10.77 18.40 4.11
C PRO B 65 -10.04 19.60 3.51
N THR B 66 -10.76 20.46 2.80
CA THR B 66 -10.10 21.62 2.24
C THR B 66 -10.65 22.93 2.78
N THR B 67 -9.73 23.89 2.91
CA THR B 67 -10.03 25.23 3.37
C THR B 67 -10.51 26.11 2.22
N LEU B 68 -10.08 25.74 1.01
CA LEU B 68 -10.44 26.47 -0.20
C LEU B 68 -11.94 26.47 -0.39
N THR B 69 -12.46 27.56 -0.91
CA THR B 69 -13.87 27.67 -1.21
C THR B 69 -14.13 27.11 -2.59
N ILE B 70 -15.38 26.76 -2.88
CA ILE B 70 -15.72 26.35 -4.23
C ILE B 70 -15.50 27.50 -5.21
N TYR B 71 -15.64 28.73 -4.74
CA TYR B 71 -15.50 29.91 -5.61
C TYR B 71 -14.09 30.08 -6.12
N ARG B 72 -13.11 29.82 -5.27
CA ARG B 72 -11.72 30.00 -5.66
C ARG B 72 -11.29 28.91 -6.65
N LEU B 73 -11.81 27.69 -6.45
CA LEU B 73 -11.56 26.59 -7.38
C LEU B 73 -12.16 26.91 -8.73
N GLN B 74 -13.40 27.41 -8.75
CA GLN B 74 -14.01 27.84 -10.01
C GLN B 74 -13.15 28.93 -10.69
N GLU B 75 -12.68 29.88 -9.89
CA GLU B 75 -11.91 31.00 -10.43
C GLU B 75 -10.55 30.58 -10.99
N TYR B 76 -9.80 29.78 -10.23
CA TYR B 76 -8.42 29.44 -10.61
C TYR B 76 -8.19 27.98 -11.03
N GLY B 77 -9.14 27.11 -10.69
CA GLY B 77 -8.94 25.69 -10.90
C GLY B 77 -9.27 25.24 -12.30
N LYS B 78 -8.76 24.08 -12.67
CA LYS B 78 -9.09 23.49 -13.95
C LYS B 78 -10.26 22.55 -13.73
N LEU B 79 -11.42 22.92 -14.27
CA LEU B 79 -12.62 22.10 -14.20
C LEU B 79 -12.44 20.83 -15.04
N ILE B 80 -12.39 19.69 -14.38
CA ILE B 80 -12.21 18.40 -15.04
C ILE B 80 -13.58 17.79 -15.33
N MET B 81 -14.44 17.75 -14.32
CA MET B 81 -15.76 17.15 -14.45
C MET B 81 -16.84 18.02 -13.82
N ASP B 82 -17.80 18.43 -14.64
CA ASP B 82 -18.80 19.42 -14.26
C ASP B 82 -20.11 18.80 -13.77
N GLY B 83 -20.16 18.41 -12.50
CA GLY B 83 -21.41 18.03 -11.87
C GLY B 83 -21.87 16.59 -12.08
N ASN B 84 -21.06 15.82 -12.80
CA ASN B 84 -21.41 14.46 -13.16
C ASN B 84 -20.26 13.53 -12.81
N ALA B 85 -19.46 13.91 -11.82
CA ALA B 85 -18.19 13.25 -11.57
C ALA B 85 -18.26 11.73 -11.37
N VAL B 86 -19.10 11.28 -10.44
CA VAL B 86 -19.18 9.85 -10.11
C VAL B 86 -19.69 9.03 -11.30
N GLU B 87 -20.67 9.55 -12.02
CA GLU B 87 -21.24 8.84 -13.15
C GLU B 87 -20.20 8.69 -14.27
N THR B 88 -19.49 9.77 -14.58
CA THR B 88 -18.41 9.72 -15.57
C THR B 88 -17.27 8.77 -15.18
N ILE B 89 -16.85 8.82 -13.92
CA ILE B 89 -15.80 7.92 -13.47
C ILE B 89 -16.25 6.46 -13.53
N GLN B 90 -17.48 6.18 -13.14
CA GLN B 90 -17.98 4.81 -13.12
C GLN B 90 -18.27 4.31 -14.53
N THR B 91 -18.67 5.23 -15.40
CA THR B 91 -18.96 4.90 -16.78
C THR B 91 -17.67 4.58 -17.51
N HIS B 92 -16.91 5.63 -17.85
CA HIS B 92 -15.62 5.48 -18.52
C HIS B 92 -14.57 4.78 -17.67
N PHE B 93 -14.96 3.64 -17.06
CA PHE B 93 -14.07 2.77 -16.27
C PHE B 93 -14.49 1.29 -16.33
N SER C 3 -29.73 -17.36 -3.62
CA SER C 3 -28.41 -16.83 -3.28
C SER C 3 -27.41 -17.13 -4.40
N ALA C 4 -26.55 -16.15 -4.68
CA ALA C 4 -25.61 -16.22 -5.80
C ALA C 4 -24.26 -16.88 -5.45
N ASP C 5 -23.62 -17.44 -6.46
CA ASP C 5 -22.26 -17.95 -6.32
C ASP C 5 -21.35 -17.02 -7.11
N ILE C 6 -20.21 -16.70 -6.50
CA ILE C 6 -19.34 -15.68 -7.07
C ILE C 6 -17.90 -16.20 -7.23
N ILE C 7 -17.32 -15.95 -8.40
CA ILE C 7 -15.93 -16.26 -8.64
C ILE C 7 -15.19 -15.02 -9.13
N TYR C 8 -14.09 -14.70 -8.47
CA TYR C 8 -13.20 -13.66 -8.94
C TYR C 8 -11.86 -14.27 -9.20
N GLN C 9 -11.07 -13.55 -9.96
CA GLN C 9 -9.82 -14.04 -10.48
C GLN C 9 -8.77 -12.93 -10.22
N PHE C 10 -7.57 -13.34 -9.86
CA PHE C 10 -6.53 -12.46 -9.35
C PHE C 10 -5.21 -12.84 -9.96
N HIS C 11 -4.34 -11.86 -10.13
CA HIS C 11 -3.02 -12.11 -10.68
C HIS C 11 -2.23 -13.03 -9.75
N SER C 12 -2.35 -12.81 -8.45
CA SER C 12 -1.44 -13.42 -7.51
C SER C 12 -2.19 -13.95 -6.29
N PHE C 13 -1.63 -14.95 -5.65
CA PHE C 13 -2.15 -15.43 -4.37
C PHE C 13 -2.03 -14.35 -3.28
N GLU C 14 -1.10 -13.40 -3.46
CA GLU C 14 -0.98 -12.29 -2.50
C GLU C 14 -2.26 -11.48 -2.36
N ASP C 15 -2.98 -11.31 -3.46
CA ASP C 15 -4.25 -10.56 -3.46
C ASP C 15 -5.26 -11.23 -2.55
N ILE C 16 -5.31 -12.56 -2.61
CA ILE C 16 -6.21 -13.33 -1.78
C ILE C 16 -5.79 -13.23 -0.30
N ILE C 17 -4.50 -13.28 -0.05
CA ILE C 17 -3.98 -13.03 1.28
C ILE C 17 -4.42 -11.65 1.80
N GLN C 18 -4.25 -10.62 0.98
CA GLN C 18 -4.54 -9.25 1.39
C GLN C 18 -6.03 -8.96 1.61
N LEU C 19 -6.91 -9.70 0.93
CA LEU C 19 -8.34 -9.37 0.99
C LEU C 19 -9.10 -10.16 2.02
N SER C 20 -8.48 -11.23 2.53
CA SER C 20 -9.11 -12.11 3.51
C SER C 20 -9.65 -11.39 4.75
N GLU C 21 -8.86 -10.48 5.32
CA GLU C 21 -9.30 -9.69 6.47
C GLU C 21 -10.67 -9.04 6.26
N SER C 22 -10.84 -8.38 5.10
CA SER C 22 -12.12 -7.73 4.74
C SER C 22 -13.29 -8.70 4.53
N LEU C 23 -13.02 -9.94 4.12
CA LEU C 23 -14.09 -10.91 3.98
C LEU C 23 -14.50 -11.38 5.37
N GLN C 24 -13.51 -11.63 6.20
CA GLN C 24 -13.78 -12.01 7.57
C GLN C 24 -14.61 -10.95 8.28
N ARG C 25 -14.31 -9.66 8.03
CA ARG C 25 -15.02 -8.57 8.69
C ARG C 25 -16.49 -8.56 8.33
N ILE C 26 -16.84 -9.03 7.13
CA ILE C 26 -18.23 -9.07 6.72
C ILE C 26 -18.84 -10.47 6.90
N GLY C 27 -18.25 -11.26 7.79
CA GLY C 27 -18.81 -12.55 8.18
C GLY C 27 -18.62 -13.70 7.20
N ILE C 28 -17.59 -13.60 6.37
CA ILE C 28 -17.27 -14.66 5.39
C ILE C 28 -16.00 -15.40 5.79
N THR C 29 -16.16 -16.68 6.12
CA THR C 29 -15.10 -17.51 6.67
C THR C 29 -14.63 -18.58 5.68
N GLY C 30 -15.33 -18.70 4.55
CA GLY C 30 -15.10 -19.80 3.63
C GLY C 30 -14.32 -19.43 2.38
N GLY C 31 -14.71 -20.04 1.26
CA GLY C 31 -14.05 -19.79 0.00
C GLY C 31 -13.17 -20.94 -0.46
N THR C 32 -13.10 -21.11 -1.78
CA THR C 32 -12.31 -22.15 -2.39
C THR C 32 -11.37 -21.50 -3.39
N VAL C 33 -10.11 -21.92 -3.38
CA VAL C 33 -9.12 -21.26 -4.24
C VAL C 33 -8.56 -22.22 -5.28
N TYR C 34 -8.55 -21.76 -6.53
CA TYR C 34 -8.00 -22.51 -7.63
C TYR C 34 -6.88 -21.75 -8.28
N HIS C 35 -6.00 -22.46 -8.94
CA HIS C 35 -5.13 -21.82 -9.91
C HIS C 35 -5.41 -22.44 -11.28
N TYR C 36 -5.50 -21.59 -12.30
CA TYR C 36 -5.78 -22.04 -13.67
C TYR C 36 -5.43 -20.98 -14.71
N ASP C 37 -4.79 -21.38 -15.80
CA ASP C 37 -4.51 -20.45 -16.89
C ASP C 37 -3.74 -19.21 -16.40
N GLY C 38 -2.90 -19.41 -15.38
CA GLY C 38 -1.99 -18.39 -14.88
C GLY C 38 -2.61 -17.43 -13.88
N GLN C 39 -3.87 -17.66 -13.52
CA GLN C 39 -4.59 -16.81 -12.59
C GLN C 39 -5.00 -17.59 -11.36
N TYR C 40 -5.28 -16.88 -10.26
CA TYR C 40 -5.89 -17.48 -9.09
C TYR C 40 -7.36 -17.11 -9.03
N PHE C 41 -8.19 -18.08 -8.68
CA PHE C 41 -9.61 -17.90 -8.59
C PHE C 41 -10.09 -18.13 -7.16
N LEU C 42 -10.94 -17.23 -6.66
CA LEU C 42 -11.59 -17.42 -5.39
C LEU C 42 -13.10 -17.64 -5.60
N SER C 43 -13.59 -18.80 -5.18
CA SER C 43 -15.00 -19.13 -5.28
C SER C 43 -15.74 -19.02 -3.94
N LEU C 44 -16.83 -18.28 -3.93
CA LEU C 44 -17.69 -18.13 -2.75
C LEU C 44 -19.15 -18.51 -3.07
N GLU C 45 -19.76 -19.30 -2.20
CA GLU C 45 -21.12 -19.76 -2.47
C GLU C 45 -22.20 -19.25 -1.51
N ASP C 46 -23.43 -19.19 -2.01
CA ASP C 46 -24.60 -18.86 -1.18
C ASP C 46 -24.57 -17.43 -0.63
N LEU C 47 -24.33 -16.46 -1.50
CA LEU C 47 -24.35 -15.07 -1.08
C LEU C 47 -25.73 -14.42 -1.32
N GLY C 48 -26.37 -13.98 -0.24
CA GLY C 48 -27.65 -13.31 -0.32
C GLY C 48 -27.49 -11.86 -0.72
N SER C 49 -28.61 -11.13 -0.80
CA SER C 49 -28.60 -9.76 -1.31
C SER C 49 -27.65 -8.87 -0.50
N HIS C 50 -27.56 -9.12 0.80
CA HIS C 50 -26.72 -8.24 1.61
C HIS C 50 -25.22 -8.57 1.49
N THR C 51 -24.89 -9.85 1.59
CA THR C 51 -23.49 -10.27 1.60
C THR C 51 -22.87 -10.27 0.21
N ALA C 52 -23.67 -10.58 -0.80
CA ALA C 52 -23.19 -10.51 -2.18
C ALA C 52 -22.65 -9.12 -2.51
N GLU C 53 -23.39 -8.07 -2.21
CA GLU C 53 -22.92 -6.75 -2.61
C GLU C 53 -21.68 -6.30 -1.78
N GLY C 54 -21.62 -6.69 -0.51
CA GLY C 54 -20.41 -6.50 0.28
C GLY C 54 -19.20 -7.25 -0.27
N VAL C 55 -19.40 -8.52 -0.61
CA VAL C 55 -18.34 -9.36 -1.15
C VAL C 55 -17.79 -8.83 -2.48
N VAL C 56 -18.69 -8.42 -3.37
CA VAL C 56 -18.29 -7.86 -4.65
C VAL C 56 -17.40 -6.63 -4.42
N ALA C 57 -17.79 -5.79 -3.47
CA ALA C 57 -17.02 -4.60 -3.19
C ALA C 57 -15.58 -4.92 -2.79
N VAL C 58 -15.38 -5.81 -1.82
CA VAL C 58 -13.99 -6.12 -1.44
C VAL C 58 -13.20 -6.81 -2.56
N LEU C 59 -13.81 -7.78 -3.24
CA LEU C 59 -13.11 -8.56 -4.27
C LEU C 59 -12.72 -7.73 -5.51
N ALA C 60 -13.59 -6.79 -5.90
CA ALA C 60 -13.30 -5.90 -7.03
C ALA C 60 -12.11 -4.99 -6.78
N GLU C 61 -11.73 -4.79 -5.53
CA GLU C 61 -10.57 -3.94 -5.27
C GLU C 61 -9.24 -4.62 -5.56
N TYR C 62 -9.26 -5.95 -5.70
CA TYR C 62 -8.06 -6.74 -5.91
C TYR C 62 -8.10 -7.50 -7.25
N GLY C 63 -9.29 -7.83 -7.73
CA GLY C 63 -9.42 -8.64 -8.92
C GLY C 63 -10.69 -8.38 -9.69
N ASN C 64 -11.01 -9.29 -10.62
CA ASN C 64 -12.13 -9.11 -11.52
C ASN C 64 -13.01 -10.34 -11.55
N PRO C 65 -14.30 -10.14 -11.88
CA PRO C 65 -15.27 -11.23 -11.97
C PRO C 65 -14.91 -12.13 -13.14
N THR C 66 -15.20 -13.42 -12.99
CA THR C 66 -14.94 -14.34 -14.08
C THR C 66 -16.19 -15.16 -14.29
N THR C 67 -16.38 -15.64 -15.51
CA THR C 67 -17.51 -16.50 -15.75
C THR C 67 -17.12 -17.97 -15.98
N LEU C 68 -15.82 -18.26 -15.88
CA LEU C 68 -15.33 -19.65 -15.82
C LEU C 68 -16.10 -20.38 -14.73
N THR C 69 -16.45 -21.63 -14.98
CA THR C 69 -17.26 -22.39 -14.06
C THR C 69 -16.39 -23.19 -13.09
N ILE C 70 -16.97 -23.58 -11.97
CA ILE C 70 -16.35 -24.55 -11.07
C ILE C 70 -15.97 -25.81 -11.83
N TYR C 71 -16.86 -26.25 -12.73
CA TYR C 71 -16.60 -27.49 -13.48
C TYR C 71 -15.30 -27.43 -14.24
N ARG C 72 -15.01 -26.31 -14.90
CA ARG C 72 -13.73 -26.17 -15.62
C ARG C 72 -12.53 -26.06 -14.65
N LEU C 73 -12.70 -25.33 -13.56
CA LEU C 73 -11.66 -25.19 -12.53
C LEU C 73 -11.26 -26.53 -11.92
N GLN C 74 -12.24 -27.33 -11.50
CA GLN C 74 -11.95 -28.70 -11.01
C GLN C 74 -11.32 -29.60 -12.07
N GLU C 75 -11.78 -29.50 -13.31
CA GLU C 75 -11.32 -30.36 -14.39
C GLU C 75 -9.86 -30.07 -14.78
N TYR C 76 -9.54 -28.81 -15.03
CA TYR C 76 -8.23 -28.46 -15.57
C TYR C 76 -7.34 -27.67 -14.61
N GLY C 77 -7.88 -27.25 -13.47
CA GLY C 77 -7.14 -26.37 -12.58
C GLY C 77 -6.58 -27.05 -11.33
N LYS C 78 -5.71 -26.34 -10.62
CA LYS C 78 -5.18 -26.84 -9.38
C LYS C 78 -6.06 -26.31 -8.25
N LEU C 79 -6.63 -27.22 -7.45
CA LEU C 79 -7.36 -26.85 -6.27
C LEU C 79 -6.35 -26.56 -5.14
N ILE C 80 -6.30 -25.30 -4.68
CA ILE C 80 -5.33 -24.87 -3.69
C ILE C 80 -5.88 -24.99 -2.27
N MET C 81 -7.11 -24.54 -2.07
CA MET C 81 -7.71 -24.52 -0.74
C MET C 81 -9.15 -24.95 -0.85
N ASP C 82 -9.51 -25.93 -0.04
CA ASP C 82 -10.74 -26.66 -0.21
C ASP C 82 -11.82 -26.26 0.79
N GLY C 83 -12.37 -25.06 0.61
CA GLY C 83 -13.59 -24.68 1.32
C GLY C 83 -13.49 -23.72 2.49
N ASN C 84 -12.31 -23.57 3.08
CA ASN C 84 -12.19 -22.68 4.24
C ASN C 84 -11.06 -21.67 4.10
N ALA C 85 -10.99 -21.04 2.93
CA ALA C 85 -9.84 -20.25 2.52
C ALA C 85 -9.56 -19.04 3.42
N VAL C 86 -10.59 -18.22 3.68
CA VAL C 86 -10.44 -17.04 4.52
C VAL C 86 -9.96 -17.43 5.91
N GLU C 87 -10.66 -18.38 6.55
CA GLU C 87 -10.27 -18.86 7.87
C GLU C 87 -8.83 -19.36 7.90
N THR C 88 -8.45 -20.16 6.91
CA THR C 88 -7.12 -20.74 6.84
C THR C 88 -6.04 -19.68 6.65
N ILE C 89 -6.28 -18.74 5.74
CA ILE C 89 -5.37 -17.63 5.50
C ILE C 89 -5.25 -16.80 6.78
N GLN C 90 -6.37 -16.58 7.46
CA GLN C 90 -6.35 -15.78 8.67
C GLN C 90 -5.56 -16.44 9.82
N THR C 91 -5.68 -17.76 9.91
CA THR C 91 -4.86 -18.57 10.81
C THR C 91 -3.34 -18.40 10.53
N HIS C 92 -2.92 -18.58 9.29
CA HIS C 92 -1.51 -18.57 8.92
C HIS C 92 -0.88 -17.19 8.69
N PHE C 93 -1.65 -16.25 8.14
CA PHE C 93 -1.08 -14.97 7.71
C PHE C 93 -1.39 -13.78 8.58
N SER C 94 -2.38 -13.91 9.46
CA SER C 94 -2.72 -12.81 10.36
C SER C 94 -2.40 -13.15 11.81
N ASP D 1 29.96 -25.14 12.75
CA ASP D 1 29.98 -26.11 11.68
C ASP D 1 30.53 -25.47 10.44
N GLU D 2 30.46 -26.21 9.36
CA GLU D 2 30.61 -25.64 8.04
C GLU D 2 29.24 -25.79 7.36
N SER D 3 28.24 -26.11 8.17
CA SER D 3 26.86 -26.15 7.67
C SER D 3 26.25 -24.75 7.77
N ALA D 4 25.45 -24.38 6.77
CA ALA D 4 24.99 -23.01 6.64
C ALA D 4 23.51 -22.83 6.95
N ASP D 5 23.20 -21.74 7.63
CA ASP D 5 21.82 -21.28 7.78
C ASP D 5 21.52 -20.13 6.82
N ILE D 6 20.41 -20.24 6.10
CA ILE D 6 20.10 -19.28 5.05
C ILE D 6 18.72 -18.62 5.20
N ILE D 7 18.73 -17.29 5.24
CA ILE D 7 17.50 -16.48 5.24
C ILE D 7 17.46 -15.57 4.01
N TYR D 8 16.36 -15.64 3.27
CA TYR D 8 16.14 -14.74 2.14
C TYR D 8 14.87 -13.94 2.32
N GLN D 9 14.89 -12.73 1.77
CA GLN D 9 13.75 -11.84 1.85
C GLN D 9 13.03 -11.79 0.51
N PHE D 10 11.71 -11.66 0.57
CA PHE D 10 10.86 -11.73 -0.61
C PHE D 10 9.76 -10.69 -0.50
N HIS D 11 9.50 -10.00 -1.60
CA HIS D 11 8.46 -8.98 -1.65
C HIS D 11 7.07 -9.59 -1.41
N SER D 12 6.85 -10.79 -1.91
CA SER D 12 5.52 -11.40 -1.87
C SER D 12 5.57 -12.89 -1.55
N PHE D 13 4.47 -13.41 -1.00
CA PHE D 13 4.34 -14.86 -0.79
C PHE D 13 4.30 -15.62 -2.12
N GLU D 14 3.92 -14.93 -3.20
CA GLU D 14 3.94 -15.53 -4.53
C GLU D 14 5.37 -15.90 -4.93
N ASP D 15 6.36 -15.10 -4.51
CA ASP D 15 7.76 -15.45 -4.73
C ASP D 15 8.11 -16.83 -4.13
N ILE D 16 7.70 -17.03 -2.87
CA ILE D 16 7.91 -18.31 -2.21
C ILE D 16 7.16 -19.46 -2.91
N ILE D 17 5.94 -19.21 -3.35
CA ILE D 17 5.20 -20.18 -4.17
C ILE D 17 5.96 -20.55 -5.45
N GLN D 18 6.39 -19.54 -6.19
CA GLN D 18 7.09 -19.71 -7.45
C GLN D 18 8.44 -20.43 -7.37
N LEU D 19 9.13 -20.31 -6.24
CA LEU D 19 10.44 -20.93 -6.15
C LEU D 19 10.44 -22.35 -5.58
N SER D 20 9.30 -22.78 -5.05
CA SER D 20 9.21 -24.05 -4.34
C SER D 20 9.62 -25.26 -5.17
N GLU D 21 9.11 -25.35 -6.40
CA GLU D 21 9.45 -26.49 -7.24
C GLU D 21 10.96 -26.63 -7.42
N SER D 22 11.63 -25.51 -7.68
CA SER D 22 13.07 -25.51 -7.88
C SER D 22 13.82 -26.08 -6.66
N LEU D 23 13.35 -25.78 -5.45
CA LEU D 23 13.97 -26.30 -4.25
C LEU D 23 13.66 -27.78 -4.05
N GLN D 24 12.40 -28.16 -4.23
CA GLN D 24 12.03 -29.56 -4.11
C GLN D 24 12.88 -30.38 -5.06
N ARG D 25 13.20 -29.76 -6.18
CA ARG D 25 13.95 -30.41 -7.24
C ARG D 25 15.42 -30.62 -6.85
N ILE D 26 15.96 -29.79 -5.96
CA ILE D 26 17.34 -29.98 -5.53
C ILE D 26 17.43 -30.61 -4.15
N GLY D 27 16.37 -31.34 -3.78
CA GLY D 27 16.38 -32.12 -2.56
C GLY D 27 16.00 -31.37 -1.29
N ILE D 28 15.38 -30.20 -1.43
CA ILE D 28 14.89 -29.42 -0.28
C ILE D 28 13.39 -29.60 -0.08
N THR D 29 12.99 -29.98 1.13
CA THR D 29 11.60 -30.27 1.44
C THR D 29 11.07 -29.45 2.65
N GLY D 30 11.98 -28.80 3.38
CA GLY D 30 11.64 -28.03 4.56
C GLY D 30 11.53 -26.53 4.34
N GLY D 31 11.94 -25.76 5.35
CA GLY D 31 11.93 -24.32 5.28
C GLY D 31 10.86 -23.74 6.17
N THR D 32 11.16 -22.57 6.74
CA THR D 32 10.22 -21.91 7.62
C THR D 32 9.94 -20.54 7.05
N VAL D 33 8.66 -20.16 7.02
CA VAL D 33 8.28 -18.91 6.38
C VAL D 33 7.70 -17.94 7.38
N TYR D 34 8.24 -16.72 7.35
CA TYR D 34 7.79 -15.68 8.23
C TYR D 34 7.30 -14.47 7.44
N HIS D 35 6.44 -13.70 8.06
CA HIS D 35 6.14 -12.36 7.60
C HIS D 35 6.66 -11.40 8.67
N TYR D 36 7.29 -10.32 8.25
CA TYR D 36 7.92 -9.39 9.19
C TYR D 36 8.09 -8.03 8.51
N ASP D 37 7.56 -6.99 9.15
CA ASP D 37 7.66 -5.62 8.62
C ASP D 37 7.32 -5.51 7.13
N GLY D 38 6.17 -6.02 6.74
CA GLY D 38 5.74 -5.91 5.35
C GLY D 38 6.53 -6.72 4.34
N GLN D 39 7.40 -7.64 4.78
CA GLN D 39 8.12 -8.53 3.87
C GLN D 39 7.99 -10.00 4.27
N TYR D 40 8.25 -10.91 3.33
CA TYR D 40 8.24 -12.33 3.62
C TYR D 40 9.66 -12.87 3.69
N PHE D 41 9.88 -13.86 4.54
CA PHE D 41 11.21 -14.43 4.70
C PHE D 41 11.16 -15.94 4.69
N LEU D 42 12.11 -16.53 3.99
CA LEU D 42 12.32 -17.96 4.01
C LEU D 42 13.60 -18.30 4.77
N SER D 43 13.48 -19.18 5.77
CA SER D 43 14.64 -19.61 6.52
C SER D 43 14.90 -21.08 6.29
N LEU D 44 16.13 -21.40 5.91
CA LEU D 44 16.57 -22.77 5.73
C LEU D 44 17.85 -23.05 6.55
N GLU D 45 17.84 -24.16 7.29
CA GLU D 45 18.87 -24.38 8.30
C GLU D 45 19.66 -25.65 8.13
N ASP D 46 20.89 -25.60 8.65
CA ASP D 46 21.83 -26.72 8.73
C ASP D 46 22.05 -27.42 7.39
N LEU D 47 22.34 -26.64 6.37
CA LEU D 47 22.57 -27.19 5.03
C LEU D 47 24.03 -27.56 4.84
N GLY D 48 24.30 -28.62 4.08
CA GLY D 48 25.65 -28.89 3.63
C GLY D 48 26.08 -27.68 2.82
N SER D 49 27.35 -27.60 2.47
CA SER D 49 27.82 -26.39 1.82
C SER D 49 27.44 -26.36 0.34
N HIS D 50 27.37 -27.54 -0.28
CA HIS D 50 27.02 -27.65 -1.69
C HIS D 50 25.56 -27.27 -1.97
N THR D 51 24.64 -27.84 -1.19
CA THR D 51 23.24 -27.51 -1.35
C THR D 51 22.94 -26.08 -0.89
N ALA D 52 23.73 -25.56 0.06
CA ALA D 52 23.54 -24.17 0.50
C ALA D 52 23.76 -23.22 -0.67
N GLU D 53 24.76 -23.53 -1.48
CA GLU D 53 25.06 -22.75 -2.67
C GLU D 53 23.99 -22.95 -3.76
N GLY D 54 23.56 -24.19 -3.94
CA GLY D 54 22.46 -24.46 -4.86
C GLY D 54 21.16 -23.78 -4.45
N VAL D 55 20.87 -23.79 -3.16
CA VAL D 55 19.69 -23.12 -2.64
C VAL D 55 19.77 -21.61 -2.89
N VAL D 56 20.93 -21.03 -2.61
CA VAL D 56 21.13 -19.60 -2.79
C VAL D 56 20.94 -19.20 -4.25
N ALA D 57 21.37 -20.07 -5.16
CA ALA D 57 21.24 -19.80 -6.59
C ALA D 57 19.78 -19.79 -7.04
N VAL D 58 18.92 -20.57 -6.40
CA VAL D 58 17.50 -20.47 -6.72
C VAL D 58 16.77 -19.36 -5.95
N LEU D 59 17.14 -19.10 -4.69
CA LEU D 59 16.49 -18.06 -3.91
C LEU D 59 16.81 -16.69 -4.47
N ALA D 60 17.95 -16.58 -5.14
CA ALA D 60 18.45 -15.30 -5.61
C ALA D 60 17.72 -14.83 -6.87
N GLU D 61 17.00 -15.73 -7.52
CA GLU D 61 16.22 -15.37 -8.70
C GLU D 61 14.88 -14.77 -8.30
N TYR D 62 14.54 -14.89 -7.01
CA TYR D 62 13.21 -14.50 -6.54
C TYR D 62 13.24 -13.47 -5.41
N GLY D 63 14.31 -13.45 -4.64
CA GLY D 63 14.36 -12.60 -3.47
C GLY D 63 15.72 -12.00 -3.26
N ASN D 64 15.96 -11.52 -2.05
CA ASN D 64 17.19 -10.82 -1.74
C ASN D 64 17.77 -11.29 -0.42
N PRO D 65 19.10 -11.32 -0.31
CA PRO D 65 19.67 -11.73 0.98
C PRO D 65 19.23 -10.68 1.98
N THR D 66 19.30 -10.98 3.27
CA THR D 66 18.83 -10.01 4.24
C THR D 66 19.77 -9.89 5.42
N THR D 67 19.66 -8.77 6.13
CA THR D 67 20.50 -8.50 7.29
C THR D 67 19.78 -8.97 8.55
N LEU D 68 18.47 -9.18 8.42
CA LEU D 68 17.61 -9.53 9.54
C LEU D 68 18.05 -10.84 10.18
N THR D 69 17.96 -10.91 11.50
CA THR D 69 18.39 -12.10 12.21
C THR D 69 17.25 -13.08 12.42
N ILE D 70 17.59 -14.36 12.46
CA ILE D 70 16.60 -15.39 12.71
C ILE D 70 15.95 -15.15 14.08
N TYR D 71 16.70 -14.51 14.98
CA TYR D 71 16.17 -14.17 16.29
C TYR D 71 15.02 -13.18 16.17
N ARG D 72 15.25 -12.08 15.46
CA ARG D 72 14.21 -11.07 15.31
C ARG D 72 12.99 -11.64 14.58
N LEU D 73 13.21 -12.45 13.54
CA LEU D 73 12.10 -13.16 12.87
C LEU D 73 11.29 -14.06 13.80
N GLN D 74 11.97 -14.83 14.64
CA GLN D 74 11.29 -15.78 15.50
C GLN D 74 10.57 -15.10 16.67
N GLU D 75 11.18 -14.04 17.19
CA GLU D 75 10.64 -13.35 18.34
C GLU D 75 9.53 -12.37 17.95
N TYR D 76 9.67 -11.71 16.80
CA TYR D 76 8.78 -10.61 16.44
C TYR D 76 8.02 -10.80 15.10
N GLY D 77 8.44 -11.78 14.31
CA GLY D 77 7.82 -12.00 13.02
C GLY D 77 6.53 -12.80 13.11
N LYS D 78 5.72 -12.75 12.07
CA LYS D 78 4.59 -13.66 11.99
C LYS D 78 5.10 -15.00 11.43
N LEU D 79 4.83 -16.06 12.16
CA LEU D 79 5.23 -17.39 11.72
C LEU D 79 4.13 -18.00 10.80
N ILE D 80 4.44 -18.12 9.50
CA ILE D 80 3.47 -18.54 8.49
C ILE D 80 3.48 -20.07 8.28
N MET D 81 4.64 -20.61 7.95
CA MET D 81 4.80 -22.05 7.78
C MET D 81 5.93 -22.54 8.67
N ASP D 82 5.57 -23.47 9.54
CA ASP D 82 6.46 -23.89 10.59
C ASP D 82 7.22 -25.15 10.23
N GLY D 83 8.22 -25.03 9.36
CA GLY D 83 9.19 -26.09 9.16
C GLY D 83 9.05 -27.00 7.95
N ASN D 84 7.94 -26.86 7.23
CA ASN D 84 7.65 -27.79 6.16
C ASN D 84 7.39 -27.06 4.83
N ALA D 85 7.86 -25.81 4.74
CA ALA D 85 7.42 -24.88 3.71
C ALA D 85 7.33 -25.45 2.30
N VAL D 86 8.47 -25.89 1.75
CA VAL D 86 8.51 -26.35 0.37
C VAL D 86 7.53 -27.49 0.11
N GLU D 87 7.50 -28.47 1.00
CA GLU D 87 6.63 -29.62 0.82
C GLU D 87 5.16 -29.21 0.84
N THR D 88 4.80 -28.38 1.82
CA THR D 88 3.43 -27.94 2.00
C THR D 88 2.95 -27.12 0.79
N ILE D 89 3.82 -26.28 0.26
CA ILE D 89 3.50 -25.51 -0.93
C ILE D 89 3.35 -26.43 -2.14
N GLN D 90 4.20 -27.44 -2.25
CA GLN D 90 4.09 -28.34 -3.38
C GLN D 90 2.74 -29.05 -3.39
N THR D 91 2.32 -29.49 -2.21
CA THR D 91 1.05 -30.16 -2.04
C THR D 91 -0.14 -29.30 -2.50
N HIS D 92 -0.10 -28.00 -2.23
CA HIS D 92 -1.25 -27.15 -2.52
C HIS D 92 -1.15 -26.44 -3.87
N PHE D 93 0.07 -26.21 -4.35
CA PHE D 93 0.26 -25.40 -5.55
C PHE D 93 0.77 -26.16 -6.78
N SER D 94 1.25 -27.39 -6.60
CA SER D 94 1.73 -28.18 -7.72
C SER D 94 0.65 -29.17 -8.15
N ILE E 6 16.89 24.06 1.98
CA ILE E 6 16.86 22.79 1.28
C ILE E 6 15.69 21.89 1.72
N ILE E 7 15.15 21.14 0.77
CA ILE E 7 14.12 20.15 1.05
C ILE E 7 14.53 18.76 0.57
N TYR E 8 14.52 17.81 1.50
CA TYR E 8 14.80 16.42 1.17
C TYR E 8 13.64 15.54 1.58
N GLN E 9 13.44 14.45 0.84
CA GLN E 9 12.40 13.48 1.17
C GLN E 9 13.00 12.14 1.61
N PHE E 10 12.26 11.42 2.46
CA PHE E 10 12.75 10.16 3.01
C PHE E 10 11.75 9.01 2.85
N HIS E 11 12.28 7.80 2.67
CA HIS E 11 11.44 6.61 2.51
C HIS E 11 10.62 6.29 3.76
N SER E 12 11.25 6.47 4.92
CA SER E 12 10.60 6.21 6.19
C SER E 12 10.90 7.35 7.16
N PHE E 13 10.10 7.45 8.21
CA PHE E 13 10.39 8.41 9.27
C PHE E 13 11.57 7.94 10.08
N GLU E 14 11.91 6.67 9.93
CA GLU E 14 13.04 6.10 10.64
C GLU E 14 14.32 6.70 10.11
N ASP E 15 14.33 6.99 8.81
CA ASP E 15 15.48 7.59 8.14
C ASP E 15 15.77 8.99 8.67
N ILE E 16 14.71 9.73 8.98
CA ILE E 16 14.84 11.05 9.57
C ILE E 16 15.46 10.93 10.95
N ILE E 17 15.13 9.84 11.64
CA ILE E 17 15.64 9.58 12.98
C ILE E 17 17.15 9.36 12.96
N GLN E 18 17.61 8.52 12.03
CA GLN E 18 19.03 8.23 11.90
C GLN E 18 19.84 9.52 11.67
N LEU E 19 19.26 10.41 10.88
CA LEU E 19 19.94 11.61 10.39
C LEU E 19 20.21 12.65 11.48
N SER E 20 19.26 12.80 12.39
CA SER E 20 19.34 13.85 13.41
C SER E 20 20.69 13.90 14.13
N GLU E 21 21.35 12.75 14.25
CA GLU E 21 22.67 12.70 14.85
C GLU E 21 23.70 13.47 14.02
N SER E 22 23.84 13.08 12.76
CA SER E 22 24.79 13.73 11.85
C SER E 22 24.59 15.25 11.81
N LEU E 23 23.35 15.70 11.89
CA LEU E 23 23.04 17.12 11.82
C LEU E 23 23.26 17.84 13.14
N GLN E 24 23.16 17.12 14.26
CA GLN E 24 23.43 17.75 15.54
C GLN E 24 24.94 17.88 15.74
N ARG E 25 25.69 17.00 15.09
CA ARG E 25 27.15 17.07 15.11
C ARG E 25 27.66 18.27 14.31
N ILE E 26 26.76 18.98 13.65
CA ILE E 26 27.14 20.14 12.84
C ILE E 26 26.23 21.35 13.11
N GLY E 27 25.77 21.48 14.35
CA GLY E 27 25.05 22.66 14.76
C GLY E 27 23.60 22.70 14.34
N ILE E 28 23.26 21.93 13.32
CA ILE E 28 21.88 21.86 12.83
C ILE E 28 20.96 21.24 13.89
N THR E 29 20.04 22.05 14.42
CA THR E 29 19.06 21.58 15.39
C THR E 29 17.67 22.11 15.10
N GLY E 30 17.48 22.61 13.88
CA GLY E 30 16.18 23.09 13.44
C GLY E 30 15.62 22.14 12.39
N GLY E 31 14.68 22.65 11.59
CA GLY E 31 14.09 21.89 10.52
C GLY E 31 12.65 21.54 10.81
N THR E 32 11.87 21.29 9.75
CA THR E 32 10.48 20.86 9.92
C THR E 32 10.21 19.57 9.14
N VAL E 33 9.46 18.66 9.76
CA VAL E 33 9.20 17.36 9.14
C VAL E 33 7.77 17.27 8.61
N TYR E 34 7.66 17.03 7.32
CA TYR E 34 6.35 16.94 6.67
C TYR E 34 6.02 15.52 6.25
N HIS E 35 4.74 15.20 6.37
CA HIS E 35 4.17 14.02 5.74
C HIS E 35 3.30 14.53 4.59
N TYR E 36 3.71 14.22 3.36
CA TYR E 36 2.95 14.65 2.19
C TYR E 36 2.80 13.46 1.27
N ASP E 37 1.55 13.11 0.98
CA ASP E 37 1.24 11.98 0.12
C ASP E 37 1.95 10.72 0.60
N GLY E 38 1.60 10.29 1.81
CA GLY E 38 2.25 9.14 2.43
C GLY E 38 3.77 9.08 2.26
N GLN E 39 4.48 9.93 2.99
CA GLN E 39 5.93 10.06 2.86
C GLN E 39 6.43 11.20 3.72
N TYR E 40 7.72 11.17 4.03
CA TYR E 40 8.27 12.15 4.96
C TYR E 40 9.24 13.11 4.30
N PHE E 41 9.10 14.38 4.65
CA PHE E 41 9.95 15.43 4.09
C PHE E 41 10.57 16.25 5.20
N LEU E 42 11.86 16.58 5.03
CA LEU E 42 12.52 17.48 5.96
C LEU E 42 12.87 18.79 5.29
N SER E 43 12.37 19.89 5.85
CA SER E 43 12.69 21.20 5.33
C SER E 43 13.66 21.90 6.28
N LEU E 44 14.86 22.20 5.79
CA LEU E 44 15.82 22.98 6.55
C LEU E 44 15.86 24.41 6.05
N GLU E 45 15.64 25.34 6.97
CA GLU E 45 15.54 26.76 6.66
C GLU E 45 16.92 27.42 6.66
N ASP E 46 17.38 27.77 7.85
CA ASP E 46 18.64 28.51 8.03
C ASP E 46 19.28 28.12 9.36
N LEU E 47 20.51 27.60 9.31
CA LEU E 47 21.21 27.19 10.53
C LEU E 47 22.74 27.31 10.49
N GLY E 48 23.24 28.48 10.11
CA GLY E 48 24.64 28.84 10.29
C GLY E 48 25.64 28.38 9.25
N SER E 49 25.40 27.21 8.65
CA SER E 49 26.36 26.59 7.73
C SER E 49 26.46 27.29 6.38
N HIS E 50 27.69 27.62 6.00
CA HIS E 50 27.96 28.07 4.63
C HIS E 50 28.42 26.84 3.86
N THR E 51 29.09 25.94 4.57
CA THR E 51 29.44 24.63 4.05
C THR E 51 28.17 23.80 3.94
N ALA E 52 27.03 24.48 4.10
CA ALA E 52 25.73 23.83 4.08
C ALA E 52 25.51 22.98 2.83
N GLU E 53 26.29 23.23 1.79
CA GLU E 53 26.17 22.45 0.57
C GLU E 53 26.85 21.09 0.70
N GLY E 54 27.37 20.82 1.89
CA GLY E 54 27.83 19.49 2.25
C GLY E 54 26.76 18.81 3.08
N VAL E 55 25.89 19.62 3.68
CA VAL E 55 24.73 19.13 4.40
C VAL E 55 23.80 18.43 3.43
N VAL E 56 23.68 19.00 2.23
CA VAL E 56 22.91 18.38 1.17
C VAL E 56 23.53 17.05 0.79
N ALA E 57 24.80 16.87 1.16
CA ALA E 57 25.46 15.59 1.01
C ALA E 57 25.10 14.70 2.20
N VAL E 58 25.09 15.29 3.38
CA VAL E 58 24.70 14.58 4.60
C VAL E 58 23.27 14.06 4.51
N LEU E 59 22.40 14.87 3.92
CA LEU E 59 21.00 14.51 3.72
C LEU E 59 20.90 13.43 2.65
N ALA E 60 21.78 13.52 1.65
CA ALA E 60 21.75 12.62 0.50
C ALA E 60 22.13 11.20 0.90
N GLU E 61 22.20 10.96 2.20
CA GLU E 61 22.47 9.63 2.72
C GLU E 61 21.17 8.84 2.88
N TYR E 62 20.42 9.15 3.93
CA TYR E 62 19.19 8.41 4.21
C TYR E 62 17.99 8.99 3.45
N GLY E 63 18.23 10.07 2.71
CA GLY E 63 17.18 10.72 1.95
C GLY E 63 17.59 11.08 0.53
N ASN E 64 16.61 11.47 -0.28
CA ASN E 64 16.86 11.89 -1.64
C ASN E 64 16.39 13.32 -1.88
N PRO E 65 16.96 13.98 -2.89
CA PRO E 65 16.52 15.31 -3.31
C PRO E 65 15.06 15.26 -3.76
N THR E 66 14.34 16.36 -3.61
CA THR E 66 12.93 16.36 -3.99
C THR E 66 12.57 17.51 -4.92
N THR E 67 11.57 17.27 -5.75
CA THR E 67 11.08 18.30 -6.65
C THR E 67 9.94 19.11 -6.01
N LEU E 68 9.43 18.62 -4.88
CA LEU E 68 8.34 19.30 -4.18
C LEU E 68 8.76 20.64 -3.58
N THR E 69 7.94 21.65 -3.84
CA THR E 69 8.14 22.99 -3.31
C THR E 69 7.66 23.04 -1.87
N ILE E 70 8.30 23.88 -1.05
CA ILE E 70 7.90 24.01 0.36
C ILE E 70 6.44 24.48 0.49
N TYR E 71 5.95 25.16 -0.55
CA TYR E 71 4.56 25.63 -0.56
C TYR E 71 3.56 24.48 -0.60
N ARG E 72 3.71 23.57 -1.56
CA ARG E 72 2.85 22.40 -1.66
C ARG E 72 2.89 21.59 -0.36
N LEU E 73 4.06 21.47 0.26
CA LEU E 73 4.17 20.77 1.54
C LEU E 73 3.38 21.43 2.66
N GLN E 74 3.52 22.75 2.80
CA GLN E 74 2.89 23.47 3.89
C GLN E 74 1.39 23.57 3.69
N GLU E 75 0.99 23.75 2.43
CA GLU E 75 -0.42 23.96 2.11
C GLU E 75 -1.20 22.65 2.10
N TYR E 76 -0.59 21.58 1.60
CA TYR E 76 -1.29 20.33 1.36
C TYR E 76 -0.66 19.14 2.07
N GLY E 77 0.56 19.30 2.54
CA GLY E 77 1.23 18.26 3.30
C GLY E 77 0.72 18.15 4.73
N LYS E 78 1.13 17.09 5.40
CA LYS E 78 0.79 16.89 6.81
C LYS E 78 2.00 17.12 7.72
N LEU E 79 1.81 17.98 8.72
CA LEU E 79 2.90 18.38 9.62
C LEU E 79 3.22 17.29 10.64
N ILE E 80 4.42 16.73 10.54
CA ILE E 80 4.87 15.73 11.50
C ILE E 80 5.60 16.35 12.71
N MET E 81 6.75 17.00 12.45
CA MET E 81 7.47 17.74 13.49
C MET E 81 7.52 19.22 13.17
N ASP E 82 6.74 19.99 13.92
CA ASP E 82 6.59 21.40 13.67
C ASP E 82 7.70 22.25 14.30
N GLY E 83 8.78 22.48 13.55
CA GLY E 83 9.75 23.49 13.94
C GLY E 83 11.17 23.08 14.31
N ASN E 84 11.31 22.11 15.22
CA ASN E 84 12.64 21.75 15.69
C ASN E 84 12.97 20.29 15.44
N ALA E 85 12.75 19.85 14.21
CA ALA E 85 13.00 18.46 13.85
C ALA E 85 14.24 17.87 14.51
N VAL E 86 15.42 18.27 14.06
CA VAL E 86 16.67 17.63 14.48
C VAL E 86 16.84 17.54 16.00
N GLU E 87 16.42 18.59 16.70
CA GLU E 87 16.56 18.63 18.15
C GLU E 87 15.50 17.78 18.86
N THR E 88 14.23 18.03 18.58
CA THR E 88 13.12 17.32 19.22
C THR E 88 13.21 15.80 19.10
N ILE E 89 13.93 15.33 18.08
CA ILE E 89 14.19 13.92 17.94
C ILE E 89 15.14 13.45 19.04
N GLN E 90 16.35 14.02 19.06
CA GLN E 90 17.34 13.71 20.08
C GLN E 90 16.73 13.70 21.49
N THR E 91 15.87 14.67 21.75
CA THR E 91 15.15 14.75 23.03
C THR E 91 14.37 13.46 23.33
N HIS E 92 13.94 12.77 22.26
CA HIS E 92 13.14 11.56 22.43
C HIS E 92 13.88 10.28 22.04
N PHE E 93 14.48 10.27 20.86
CA PHE E 93 15.12 9.06 20.33
C PHE E 93 16.61 9.03 20.66
N SER E 94 17.05 10.00 21.46
CA SER E 94 18.44 10.13 21.90
C SER E 94 19.43 9.46 20.96
N GLU F 2 -12.08 -4.65 36.94
CA GLU F 2 -10.65 -4.96 36.95
C GLU F 2 -9.94 -4.41 35.71
N SER F 3 -8.94 -3.57 35.97
CA SER F 3 -8.22 -2.86 34.91
C SER F 3 -7.42 -3.80 34.01
N ALA F 4 -6.76 -3.23 33.01
CA ALA F 4 -6.00 -4.02 32.04
C ALA F 4 -4.83 -3.22 31.47
N ASP F 5 -3.65 -3.83 31.47
CA ASP F 5 -2.47 -3.24 30.84
C ASP F 5 -2.30 -3.76 29.42
N ILE F 6 -1.94 -2.89 28.50
CA ILE F 6 -1.85 -3.28 27.09
C ILE F 6 -0.53 -2.86 26.46
N ILE F 7 0.21 -3.83 25.95
CA ILE F 7 1.45 -3.53 25.23
C ILE F 7 1.47 -4.17 23.86
N TYR F 8 1.82 -3.37 22.85
CA TYR F 8 1.93 -3.82 21.48
C TYR F 8 3.32 -3.47 20.97
N GLN F 9 3.83 -4.24 20.01
CA GLN F 9 5.11 -3.92 19.37
C GLN F 9 4.83 -3.43 17.96
N PHE F 10 5.73 -2.59 17.46
CA PHE F 10 5.59 -2.04 16.12
C PHE F 10 6.97 -2.02 15.47
N HIS F 11 6.99 -2.16 14.15
CA HIS F 11 8.25 -2.24 13.45
C HIS F 11 8.84 -0.85 13.24
N SER F 12 7.99 0.16 13.39
CA SER F 12 8.41 1.52 13.09
C SER F 12 7.61 2.51 13.92
N PHE F 13 8.22 3.66 14.17
CA PHE F 13 7.57 4.69 14.96
C PHE F 13 6.38 5.27 14.22
N GLU F 14 6.52 5.46 12.91
CA GLU F 14 5.45 6.00 12.08
C GLU F 14 4.12 5.23 12.21
N ASP F 15 4.17 3.94 12.57
CA ASP F 15 2.94 3.19 12.80
C ASP F 15 2.24 3.75 14.03
N ILE F 16 3.04 4.17 15.00
CA ILE F 16 2.54 4.72 16.24
C ILE F 16 1.95 6.12 15.98
N ILE F 17 2.60 6.86 15.11
CA ILE F 17 2.07 8.14 14.66
C ILE F 17 0.70 8.01 13.96
N GLN F 18 0.63 7.19 12.92
CA GLN F 18 -0.61 6.98 12.15
C GLN F 18 -1.77 6.52 13.01
N LEU F 19 -1.47 6.15 14.24
CA LEU F 19 -2.40 5.43 15.08
C LEU F 19 -2.94 6.31 16.20
N SER F 20 -2.25 7.43 16.43
CA SER F 20 -2.59 8.37 17.50
C SER F 20 -3.99 8.96 17.38
N GLU F 21 -4.39 9.30 16.16
CA GLU F 21 -5.69 9.93 15.90
C GLU F 21 -6.80 9.05 16.41
N SER F 22 -6.73 7.77 16.04
CA SER F 22 -7.74 6.80 16.43
C SER F 22 -7.82 6.66 17.95
N LEU F 23 -6.64 6.64 18.58
CA LEU F 23 -6.56 6.50 20.02
C LEU F 23 -7.18 7.69 20.73
N GLN F 24 -6.89 8.88 20.21
CA GLN F 24 -7.43 10.11 20.78
C GLN F 24 -8.95 10.08 20.69
N ARG F 25 -9.47 9.77 19.51
CA ARG F 25 -10.91 9.74 19.25
C ARG F 25 -11.68 8.77 20.15
N ILE F 26 -10.98 8.08 21.04
CA ILE F 26 -11.65 7.22 22.02
C ILE F 26 -11.28 7.62 23.44
N GLY F 27 -10.56 8.73 23.57
CA GLY F 27 -10.23 9.27 24.88
C GLY F 27 -8.90 8.80 25.42
N ILE F 28 -8.09 8.17 24.57
CA ILE F 28 -6.75 7.76 24.97
C ILE F 28 -5.77 8.87 24.64
N THR F 29 -5.23 9.48 25.70
CA THR F 29 -4.45 10.70 25.57
C THR F 29 -3.01 10.50 26.05
N GLY F 30 -2.76 9.36 26.67
CA GLY F 30 -1.43 9.04 27.15
C GLY F 30 -0.66 8.04 26.30
N GLY F 31 -0.06 7.05 26.96
CA GLY F 31 0.75 6.06 26.29
C GLY F 31 2.25 6.26 26.41
N THR F 32 2.96 5.19 26.78
CA THR F 32 4.41 5.23 26.84
C THR F 32 5.00 4.51 25.63
N VAL F 33 6.03 5.10 25.02
CA VAL F 33 6.73 4.45 23.93
C VAL F 33 8.17 4.07 24.31
N TYR F 34 8.61 2.90 23.84
CA TYR F 34 9.95 2.40 24.10
C TYR F 34 10.53 1.96 22.79
N HIS F 35 11.86 1.98 22.70
CA HIS F 35 12.53 1.33 21.61
C HIS F 35 13.36 0.21 22.21
N TYR F 36 13.22 -1.00 21.69
CA TYR F 36 13.90 -2.15 22.24
C TYR F 36 13.94 -3.29 21.24
N ASP F 37 15.12 -3.86 21.04
CA ASP F 37 15.24 -5.05 20.22
C ASP F 37 14.83 -4.80 18.79
N GLY F 38 15.08 -3.60 18.29
CA GLY F 38 14.72 -3.24 16.93
C GLY F 38 13.25 -2.93 16.74
N GLN F 39 12.51 -2.86 17.84
CA GLN F 39 11.07 -2.65 17.78
C GLN F 39 10.64 -1.46 18.64
N TYR F 40 9.49 -0.89 18.31
CA TYR F 40 8.86 0.11 19.16
C TYR F 40 7.71 -0.50 19.92
N PHE F 41 7.56 -0.08 21.17
CA PHE F 41 6.52 -0.64 22.02
C PHE F 41 5.64 0.45 22.61
N LEU F 42 4.33 0.24 22.55
CA LEU F 42 3.38 1.18 23.11
C LEU F 42 2.64 0.57 24.28
N SER F 43 2.68 1.26 25.42
CA SER F 43 2.06 0.78 26.65
C SER F 43 1.01 1.74 27.19
N LEU F 44 -0.21 1.24 27.39
CA LEU F 44 -1.28 2.02 27.98
C LEU F 44 -1.73 1.32 29.27
N GLU F 45 -1.85 2.11 30.34
CA GLU F 45 -1.75 1.56 31.71
C GLU F 45 -2.99 0.97 32.38
N ASP F 46 -4.13 1.65 32.26
CA ASP F 46 -5.31 1.25 33.03
C ASP F 46 -6.56 1.20 32.18
N LEU F 47 -6.96 0.00 31.75
CA LEU F 47 -8.07 -0.10 30.81
C LEU F 47 -9.16 -1.08 31.26
N GLY F 48 -10.41 -0.64 31.14
CA GLY F 48 -11.55 -1.51 31.38
C GLY F 48 -11.72 -2.49 30.23
N SER F 49 -12.30 -3.64 30.53
CA SER F 49 -12.46 -4.71 29.53
C SER F 49 -12.97 -4.16 28.20
N HIS F 50 -13.74 -3.08 28.26
CA HIS F 50 -14.34 -2.49 27.08
C HIS F 50 -13.45 -1.42 26.42
N THR F 51 -12.78 -0.61 27.23
CA THR F 51 -11.82 0.36 26.72
C THR F 51 -10.70 -0.39 25.99
N ALA F 52 -10.15 -1.39 26.66
CA ALA F 52 -9.10 -2.22 26.10
C ALA F 52 -9.55 -2.86 24.80
N GLU F 53 -10.80 -3.32 24.77
CA GLU F 53 -11.32 -3.97 23.58
C GLU F 53 -11.15 -3.08 22.36
N GLY F 54 -11.49 -1.80 22.53
CA GLY F 54 -11.39 -0.82 21.47
C GLY F 54 -9.96 -0.41 21.19
N VAL F 55 -9.20 -0.14 22.25
CA VAL F 55 -7.77 0.14 22.11
C VAL F 55 -7.08 -0.93 21.27
N VAL F 56 -7.32 -2.19 21.64
CA VAL F 56 -6.75 -3.34 20.93
C VAL F 56 -7.13 -3.35 19.45
N ALA F 57 -8.39 -3.04 19.16
CA ALA F 57 -8.86 -3.04 17.78
C ALA F 57 -8.06 -2.05 16.90
N VAL F 58 -7.70 -0.91 17.46
CA VAL F 58 -6.93 0.08 16.72
C VAL F 58 -5.44 -0.24 16.65
N LEU F 59 -4.90 -0.80 17.73
CA LEU F 59 -3.47 -1.15 17.79
C LEU F 59 -3.16 -2.33 16.88
N ALA F 60 -4.11 -3.25 16.78
CA ALA F 60 -3.95 -4.49 16.04
C ALA F 60 -3.84 -4.22 14.54
N GLU F 61 -4.35 -3.09 14.10
CA GLU F 61 -4.33 -2.77 12.68
C GLU F 61 -2.96 -2.29 12.21
N TYR F 62 -2.07 -2.05 13.16
CA TYR F 62 -0.71 -1.57 12.86
C TYR F 62 0.42 -2.45 13.43
N GLY F 63 0.18 -3.13 14.54
CA GLY F 63 1.22 -3.90 15.18
C GLY F 63 0.76 -5.18 15.86
N ASN F 64 1.61 -5.69 16.75
CA ASN F 64 1.37 -7.00 17.35
C ASN F 64 1.28 -7.00 18.87
N PRO F 65 0.36 -7.83 19.40
CA PRO F 65 0.35 -8.20 20.81
C PRO F 65 1.77 -8.55 21.23
N THR F 66 2.16 -8.18 22.43
CA THR F 66 3.48 -8.57 22.87
C THR F 66 3.42 -9.19 24.24
N THR F 67 4.34 -10.10 24.47
CA THR F 67 4.34 -10.91 25.67
C THR F 67 5.28 -10.31 26.74
N LEU F 68 6.19 -9.43 26.30
CA LEU F 68 7.09 -8.71 27.19
C LEU F 68 6.36 -7.84 28.20
N THR F 69 6.93 -7.73 29.41
CA THR F 69 6.34 -6.90 30.45
C THR F 69 6.81 -5.48 30.29
N ILE F 70 6.12 -4.56 30.96
CA ILE F 70 6.54 -3.16 31.02
C ILE F 70 7.83 -3.01 31.85
N TYR F 71 8.05 -3.95 32.78
CA TYR F 71 9.23 -3.88 33.67
C TYR F 71 10.50 -4.18 32.91
N ARG F 72 10.40 -5.11 31.96
CA ARG F 72 11.52 -5.46 31.10
C ARG F 72 11.82 -4.32 30.11
N LEU F 73 10.77 -3.63 29.67
CA LEU F 73 10.93 -2.50 28.77
C LEU F 73 11.61 -1.31 29.47
N GLN F 74 11.23 -1.06 30.72
CA GLN F 74 11.86 0.01 31.49
C GLN F 74 13.31 -0.33 31.77
N GLU F 75 13.56 -1.59 32.10
CA GLU F 75 14.91 -2.07 32.38
C GLU F 75 15.85 -1.99 31.18
N TYR F 76 15.42 -2.52 30.03
CA TYR F 76 16.32 -2.68 28.88
C TYR F 76 16.03 -1.75 27.69
N GLY F 77 14.80 -1.24 27.61
CA GLY F 77 14.39 -0.44 26.48
C GLY F 77 14.76 1.02 26.64
N LYS F 78 14.79 1.73 25.53
CA LYS F 78 15.01 3.17 25.55
C LYS F 78 13.64 3.82 25.63
N LEU F 79 13.43 4.58 26.69
CA LEU F 79 12.19 5.31 26.87
C LEU F 79 12.16 6.50 25.90
N ILE F 80 11.24 6.43 24.93
CA ILE F 80 11.15 7.43 23.87
C ILE F 80 10.19 8.55 24.29
N MET F 81 9.08 8.14 24.91
CA MET F 81 8.03 9.06 25.35
C MET F 81 7.43 8.52 26.63
N ASP F 82 7.17 9.41 27.59
CA ASP F 82 6.65 8.98 28.89
C ASP F 82 5.27 9.53 29.23
N GLY F 83 4.25 8.71 29.03
CA GLY F 83 2.90 9.01 29.48
C GLY F 83 2.16 10.00 28.61
N ASN F 84 2.80 10.47 27.55
CA ASN F 84 2.23 11.54 26.76
C ASN F 84 2.25 11.28 25.24
N ALA F 85 2.37 10.00 24.86
CA ALA F 85 2.56 9.67 23.46
C ALA F 85 1.52 10.33 22.55
N VAL F 86 0.27 9.87 22.64
CA VAL F 86 -0.80 10.38 21.77
C VAL F 86 -0.84 11.90 21.78
N GLU F 87 -0.78 12.49 22.96
CA GLU F 87 -0.72 13.94 23.13
C GLU F 87 0.48 14.58 22.40
N THR F 88 1.70 14.15 22.75
CA THR F 88 2.90 14.70 22.13
C THR F 88 2.91 14.58 20.59
N ILE F 89 2.18 13.62 20.06
CA ILE F 89 2.22 13.33 18.63
C ILE F 89 1.27 14.22 17.81
N GLN F 90 0.07 14.42 18.34
CA GLN F 90 -0.92 15.29 17.68
C GLN F 90 -0.40 16.73 17.64
N THR F 91 0.31 17.11 18.70
CA THR F 91 0.86 18.45 18.88
C THR F 91 1.87 18.86 17.81
N HIS F 92 1.85 18.19 16.65
CA HIS F 92 2.66 18.60 15.51
C HIS F 92 1.99 18.30 14.17
#